data_4R37
#
_entry.id   4R37
#
_cell.length_a   149.403
_cell.length_b   149.403
_cell.length_c   149.403
_cell.angle_alpha   90.00
_cell.angle_beta   90.00
_cell.angle_gamma   90.00
#
_symmetry.space_group_name_H-M   'P 41 3 2'
#
loop_
_entity.id
_entity.type
_entity.pdbx_description
1 polymer 'Putative acyl-[acyl-carrier-protein]--UDP-N-acetylglucosamine O-acyltransferase'
2 non-polymer URIDINE-DIPHOSPHATE-N-ACETYLGLUCOSAMINE
3 non-polymer 3,6,9,12,15,18,21,24-OCTAOXAHEXACOSAN-1-OL
4 non-polymer 2-(2-METHOXYETHOXY)ETHANOL
5 non-polymer 'ACETATE ION'
6 non-polymer 'CALCIUM ION'
7 water water
#
_entity_poly.entity_id   1
_entity_poly.type   'polypeptide(L)'
_entity_poly.pdbx_seq_one_letter_code
;MGSSHHHHHHSSGLVPRGSHMISPLAYIHPEAKIGENVEIAPFVYIDRNVVIGDNNKIMANANILYGSRIGNGNTIFPGA
VIGAIPQDLKFKGEESTAEIGDNNLIRENVTINRGTAAKGRTIVGNNNLLMEGVHVAHDALIGNGCIVGNSTKMAGEIII
DDNAIISANVLMHQFCRVGGYVMIQGGCRFSKDIPPYIIAGREPIAYSGINIIGLRRRGFSNEIIENIHNAYRIIYQSGL
NTSDALTKVEAEVPASPEIEYIVDFIRNSERGIIR
;
_entity_poly.pdbx_strand_id   A,B
#
loop_
_chem_comp.id
_chem_comp.type
_chem_comp.name
_chem_comp.formula
ACT non-polymer 'ACETATE ION' 'C2 H3 O2 -1'
CA non-polymer 'CALCIUM ION' 'Ca 2'
PE5 non-polymer 3,6,9,12,15,18,21,24-OCTAOXAHEXACOSAN-1-OL 'C18 H38 O9'
PG0 non-polymer 2-(2-METHOXYETHOXY)ETHANOL 'C5 H12 O3'
UD1 non-polymer URIDINE-DIPHOSPHATE-N-ACETYLGLUCOSAMINE 'C17 H27 N3 O17 P2'
#
# COMPACT_ATOMS: atom_id res chain seq x y z
N MET A 21 5.72 26.66 -23.79
CA MET A 21 5.96 25.38 -23.00
C MET A 21 6.10 24.15 -23.89
N ILE A 22 5.26 24.07 -24.91
CA ILE A 22 5.42 23.08 -25.95
C ILE A 22 6.21 23.67 -27.09
N SER A 23 7.43 23.20 -27.33
CA SER A 23 8.21 23.74 -28.42
C SER A 23 7.56 23.48 -29.76
N PRO A 24 7.59 24.50 -30.66
CA PRO A 24 7.12 24.27 -32.01
C PRO A 24 8.09 23.39 -32.82
N LEU A 25 9.29 23.14 -32.29
CA LEU A 25 10.25 22.22 -32.95
C LEU A 25 10.10 20.73 -32.49
N ALA A 26 9.12 20.45 -31.63
CA ALA A 26 8.69 19.11 -31.33
C ALA A 26 7.77 18.65 -32.39
N TYR A 27 7.74 17.34 -32.63
CA TYR A 27 6.71 16.71 -33.45
C TYR A 27 5.70 16.02 -32.55
N ILE A 28 4.45 16.47 -32.63
CA ILE A 28 3.39 15.93 -31.79
C ILE A 28 2.21 15.56 -32.64
N HIS A 29 1.92 14.27 -32.74
CA HIS A 29 0.80 13.82 -33.52
C HIS A 29 -0.49 14.44 -32.97
N PRO A 30 -1.39 14.91 -33.89
CA PRO A 30 -2.62 15.56 -33.42
C PRO A 30 -3.45 14.72 -32.50
N GLU A 31 -3.42 13.41 -32.64
CA GLU A 31 -4.20 12.53 -31.80
C GLU A 31 -3.63 12.30 -30.39
N ALA A 32 -2.39 12.72 -30.12
CA ALA A 32 -1.78 12.49 -28.77
C ALA A 32 -2.55 13.28 -27.73
N LYS A 33 -2.83 12.69 -26.59
CA LYS A 33 -3.51 13.37 -25.50
C LYS A 33 -2.50 13.85 -24.52
N ILE A 34 -2.48 15.16 -24.27
CA ILE A 34 -1.43 15.81 -23.48
C ILE A 34 -2.09 16.67 -22.41
N GLY A 35 -1.66 16.52 -21.18
CA GLY A 35 -2.26 17.20 -20.09
C GLY A 35 -1.78 18.60 -19.93
N GLU A 36 -2.04 19.16 -18.76
CA GLU A 36 -1.70 20.56 -18.49
C GLU A 36 -0.34 20.76 -17.93
N ASN A 37 0.19 21.93 -18.20
CA ASN A 37 1.50 22.31 -17.70
C ASN A 37 2.57 21.26 -18.09
N VAL A 38 2.57 20.87 -19.34
CA VAL A 38 3.57 19.95 -19.89
C VAL A 38 4.58 20.72 -20.70
N GLU A 39 5.85 20.56 -20.36
CA GLU A 39 6.95 21.17 -21.07
C GLU A 39 7.54 20.15 -22.07
N ILE A 40 7.53 20.48 -23.34
CA ILE A 40 8.07 19.64 -24.40
C ILE A 40 9.12 20.41 -25.16
N ALA A 41 10.36 19.88 -25.15
CA ALA A 41 11.48 20.44 -25.78
C ALA A 41 11.53 20.23 -27.30
N PRO A 42 12.43 20.94 -28.01
CA PRO A 42 12.67 20.68 -29.43
C PRO A 42 13.06 19.21 -29.66
N PHE A 43 12.64 18.71 -30.81
CA PHE A 43 13.08 17.44 -31.33
C PHE A 43 12.55 16.26 -30.57
N VAL A 44 11.54 16.48 -29.72
CA VAL A 44 10.77 15.42 -29.12
C VAL A 44 9.80 14.90 -30.18
N TYR A 45 9.63 13.59 -30.19
CA TYR A 45 8.72 12.93 -31.14
C TYR A 45 7.68 12.21 -30.37
N ILE A 46 6.43 12.63 -30.53
CA ILE A 46 5.26 12.02 -29.89
C ILE A 46 4.27 11.53 -30.94
N ASP A 47 4.00 10.24 -30.88
CA ASP A 47 3.16 9.52 -31.78
C ASP A 47 1.68 9.63 -31.39
N ARG A 48 0.85 9.08 -32.25
CA ARG A 48 -0.53 8.83 -31.94
C ARG A 48 -0.65 7.68 -30.94
N ASN A 49 -1.85 7.49 -30.39
CA ASN A 49 -2.14 6.50 -29.34
C ASN A 49 -1.13 6.70 -28.17
N VAL A 50 -1.01 7.94 -27.77
CA VAL A 50 -0.19 8.32 -26.63
C VAL A 50 -1.03 9.12 -25.66
N VAL A 51 -0.91 8.81 -24.35
CA VAL A 51 -1.50 9.61 -23.29
C VAL A 51 -0.42 10.09 -22.35
N ILE A 52 -0.37 11.40 -22.16
CA ILE A 52 0.52 12.06 -21.24
C ILE A 52 -0.28 12.93 -20.28
N GLY A 53 -0.05 12.74 -18.99
CA GLY A 53 -0.70 13.52 -17.92
C GLY A 53 -0.17 14.91 -17.69
N ASP A 54 -0.38 15.41 -16.49
CA ASP A 54 -0.02 16.80 -16.14
C ASP A 54 1.36 16.93 -15.59
N ASN A 55 1.91 18.12 -15.71
CA ASN A 55 3.15 18.51 -15.00
C ASN A 55 4.35 17.60 -15.39
N ASN A 56 4.45 17.24 -16.65
CA ASN A 56 5.56 16.47 -17.17
C ASN A 56 6.54 17.37 -17.84
N LYS A 57 7.79 16.95 -17.81
CA LYS A 57 8.83 17.59 -18.55
C LYS A 57 9.51 16.58 -19.46
N ILE A 58 9.45 16.82 -20.76
CA ILE A 58 9.98 15.91 -21.76
C ILE A 58 11.08 16.70 -22.45
N MET A 59 12.31 16.24 -22.27
CA MET A 59 13.47 16.92 -22.80
C MET A 59 13.81 16.56 -24.20
N ALA A 60 14.72 17.34 -24.76
CA ALA A 60 15.03 17.24 -26.21
C ALA A 60 15.40 15.90 -26.68
N ASN A 61 14.97 15.57 -27.87
CA ASN A 61 15.32 14.34 -28.54
C ASN A 61 14.79 13.07 -27.82
N ALA A 62 13.76 13.15 -27.01
CA ALA A 62 13.09 12.00 -26.46
C ALA A 62 12.00 11.55 -27.42
N ASN A 63 11.63 10.27 -27.32
CA ASN A 63 10.67 9.65 -28.18
C ASN A 63 9.58 8.97 -27.35
N ILE A 64 8.32 9.38 -27.56
CA ILE A 64 7.18 8.79 -26.93
C ILE A 64 6.34 8.16 -28.00
N LEU A 65 6.38 6.83 -28.08
CA LEU A 65 5.85 6.08 -29.20
C LEU A 65 4.47 5.51 -28.92
N TYR A 66 3.84 5.08 -30.01
CA TYR A 66 2.56 4.43 -30.03
C TYR A 66 2.40 3.45 -28.90
N GLY A 67 1.37 3.69 -28.07
CA GLY A 67 1.04 2.87 -26.95
C GLY A 67 1.54 3.36 -25.60
N SER A 68 2.24 4.47 -25.56
CA SER A 68 2.74 5.03 -24.31
C SER A 68 1.65 5.63 -23.48
N ARG A 69 1.78 5.42 -22.16
CA ARG A 69 0.89 5.98 -21.19
C ARG A 69 1.75 6.54 -20.09
N ILE A 70 1.71 7.85 -19.92
CA ILE A 70 2.48 8.55 -18.96
C ILE A 70 1.60 9.31 -17.99
N GLY A 71 1.88 9.17 -16.71
CA GLY A 71 1.17 9.83 -15.64
C GLY A 71 1.53 11.28 -15.43
N ASN A 72 1.57 11.68 -14.17
CA ASN A 72 1.86 13.10 -13.84
C ASN A 72 3.20 13.34 -13.19
N GLY A 73 3.78 14.48 -13.46
CA GLY A 73 4.94 14.92 -12.66
C GLY A 73 6.30 14.22 -12.99
N ASN A 74 6.38 13.58 -14.14
CA ASN A 74 7.59 12.89 -14.57
C ASN A 74 8.58 13.81 -15.28
N THR A 75 9.85 13.42 -15.28
CA THR A 75 10.83 14.04 -16.17
C THR A 75 11.46 13.02 -17.04
N ILE A 76 11.41 13.24 -18.33
CA ILE A 76 11.90 12.31 -19.33
C ILE A 76 13.06 13.01 -19.99
N PHE A 77 14.25 12.41 -19.81
CA PHE A 77 15.47 13.01 -20.27
C PHE A 77 15.76 12.77 -21.73
N PRO A 78 16.73 13.51 -22.28
CA PRO A 78 17.06 13.35 -23.73
C PRO A 78 17.42 11.94 -24.18
N GLY A 79 16.85 11.52 -25.31
CA GLY A 79 17.21 10.23 -25.88
C GLY A 79 16.43 9.05 -25.29
N ALA A 80 15.63 9.25 -24.24
CA ALA A 80 14.76 8.19 -23.77
C ALA A 80 13.77 7.77 -24.87
N VAL A 81 13.46 6.49 -24.93
CA VAL A 81 12.56 5.97 -25.89
C VAL A 81 11.52 5.15 -25.14
N ILE A 82 10.29 5.68 -25.07
CA ILE A 82 9.16 4.99 -24.42
C ILE A 82 8.19 4.45 -25.48
N GLY A 83 7.87 3.15 -25.38
CA GLY A 83 6.86 2.52 -26.16
C GLY A 83 7.24 1.78 -27.41
N ALA A 84 8.53 1.61 -27.67
CA ALA A 84 8.87 0.85 -28.84
C ALA A 84 8.37 -0.58 -28.71
N ILE A 85 8.16 -1.22 -29.86
CA ILE A 85 7.69 -2.59 -29.87
C ILE A 85 8.69 -3.51 -29.15
N PRO A 86 8.18 -4.60 -28.55
CA PRO A 86 9.03 -5.57 -27.92
C PRO A 86 10.22 -6.02 -28.78
N GLN A 87 11.32 -6.35 -28.11
CA GLN A 87 12.41 -7.03 -28.69
C GLN A 87 12.16 -8.52 -28.84
N ASP A 88 11.07 -9.02 -28.30
CA ASP A 88 10.68 -10.44 -28.41
C ASP A 88 10.23 -10.75 -29.84
N LEU A 89 10.90 -11.70 -30.48
CA LEU A 89 10.54 -12.11 -31.81
C LEU A 89 9.15 -12.80 -31.86
N LYS A 90 8.61 -13.18 -30.70
CA LYS A 90 7.23 -13.67 -30.68
C LYS A 90 6.18 -12.60 -30.86
N PHE A 91 6.57 -11.34 -30.76
CA PHE A 91 5.66 -10.24 -31.03
C PHE A 91 5.15 -10.33 -32.46
N LYS A 92 3.85 -10.18 -32.65
CA LYS A 92 3.25 -10.23 -33.98
C LYS A 92 2.39 -9.02 -34.25
N GLY A 93 2.69 -7.85 -33.69
CA GLY A 93 1.93 -6.62 -33.95
C GLY A 93 0.65 -6.44 -33.10
N GLU A 94 0.41 -7.29 -32.12
CA GLU A 94 -0.71 -7.10 -31.18
C GLU A 94 -0.65 -5.74 -30.51
N GLU A 95 -1.82 -5.19 -30.16
CA GLU A 95 -1.88 -3.97 -29.37
C GLU A 95 -1.31 -4.18 -27.92
N SER A 96 -0.61 -3.19 -27.43
CA SER A 96 0.00 -3.25 -26.10
C SER A 96 0.34 -1.85 -25.68
N THR A 97 0.69 -1.66 -24.40
CA THR A 97 1.13 -0.41 -23.94
C THR A 97 2.51 -0.46 -23.23
N ALA A 98 3.05 0.70 -23.02
CA ALA A 98 4.23 0.97 -22.14
C ALA A 98 3.82 2.09 -21.27
N GLU A 99 3.91 1.91 -19.97
CA GLU A 99 3.30 2.79 -19.04
C GLU A 99 4.24 3.22 -17.94
N ILE A 100 4.21 4.49 -17.61
CA ILE A 100 4.84 4.96 -16.38
C ILE A 100 3.80 5.78 -15.59
N GLY A 101 3.98 5.75 -14.27
CA GLY A 101 3.08 6.43 -13.30
C GLY A 101 3.42 7.89 -13.11
N ASP A 102 3.55 8.26 -11.86
CA ASP A 102 3.81 9.63 -11.47
C ASP A 102 5.15 9.84 -10.86
N ASN A 103 5.71 11.05 -11.08
CA ASN A 103 6.88 11.50 -10.36
C ASN A 103 8.11 10.59 -10.61
N ASN A 104 8.28 10.09 -11.80
CA ASN A 104 9.46 9.27 -12.08
C ASN A 104 10.49 10.16 -12.75
N LEU A 105 11.74 9.73 -12.63
CA LEU A 105 12.86 10.27 -13.34
C LEU A 105 13.39 9.22 -14.31
N ILE A 106 13.15 9.45 -15.60
CA ILE A 106 13.49 8.55 -16.68
C ILE A 106 14.67 9.18 -17.43
N ARG A 107 15.88 8.66 -17.17
CA ARG A 107 17.09 9.32 -17.59
C ARG A 107 17.42 9.02 -19.05
N GLU A 108 18.55 9.57 -19.47
CA GLU A 108 18.98 9.54 -20.83
C GLU A 108 19.03 8.14 -21.39
N ASN A 109 18.47 8.00 -22.58
CA ASN A 109 18.48 6.74 -23.32
C ASN A 109 17.88 5.54 -22.63
N VAL A 110 17.02 5.76 -21.66
CA VAL A 110 16.25 4.72 -21.07
C VAL A 110 15.25 4.18 -22.10
N THR A 111 15.09 2.86 -22.18
CA THR A 111 14.17 2.28 -23.10
C THR A 111 13.11 1.53 -22.30
N ILE A 112 11.83 1.78 -22.61
CA ILE A 112 10.74 1.07 -22.00
C ILE A 112 9.86 0.55 -23.12
N ASN A 113 10.00 -0.71 -23.44
CA ASN A 113 9.27 -1.27 -24.59
C ASN A 113 7.81 -1.54 -24.15
N ARG A 114 6.86 -1.42 -25.09
CA ARG A 114 5.52 -1.87 -24.82
C ARG A 114 5.39 -3.39 -24.74
N GLY A 115 4.21 -3.86 -24.37
CA GLY A 115 3.97 -5.24 -24.02
C GLY A 115 3.78 -6.20 -25.21
N THR A 116 3.65 -7.49 -24.90
CA THR A 116 3.30 -8.54 -25.87
C THR A 116 1.99 -9.16 -25.41
N ALA A 117 1.48 -10.10 -26.18
CA ALA A 117 0.26 -10.82 -25.80
C ALA A 117 0.41 -11.59 -24.52
N ALA A 118 1.63 -11.86 -24.10
CA ALA A 118 1.84 -12.56 -22.81
C ALA A 118 1.24 -11.81 -21.62
N LYS A 119 1.21 -10.50 -21.67
CA LYS A 119 0.54 -9.68 -20.66
C LYS A 119 -0.17 -8.52 -21.33
N GLY A 120 0.56 -7.67 -22.01
CA GLY A 120 -0.03 -6.63 -22.83
C GLY A 120 0.29 -5.23 -22.40
N ARG A 121 0.96 -5.12 -21.26
CA ARG A 121 1.26 -3.84 -20.63
C ARG A 121 2.64 -3.98 -19.94
N THR A 122 3.56 -3.12 -20.33
CA THR A 122 4.77 -2.89 -19.57
C THR A 122 4.46 -1.74 -18.63
N ILE A 123 4.73 -1.92 -17.36
CA ILE A 123 4.33 -0.98 -16.36
C ILE A 123 5.40 -0.59 -15.36
N VAL A 124 5.65 0.71 -15.25
CA VAL A 124 6.48 1.30 -14.23
C VAL A 124 5.55 2.14 -13.34
N GLY A 125 5.71 2.02 -12.02
CA GLY A 125 4.86 2.73 -11.04
C GLY A 125 5.20 4.20 -10.83
N ASN A 126 5.31 4.60 -9.55
CA ASN A 126 5.52 5.97 -9.16
C ASN A 126 6.85 6.20 -8.43
N ASN A 127 7.43 7.38 -8.57
CA ASN A 127 8.57 7.80 -7.72
C ASN A 127 9.83 6.88 -7.93
N ASN A 128 10.05 6.45 -9.15
CA ASN A 128 11.22 5.70 -9.47
C ASN A 128 12.26 6.55 -10.12
N LEU A 129 13.51 6.13 -9.99
CA LEU A 129 14.63 6.67 -10.75
C LEU A 129 15.24 5.60 -11.62
N LEU A 130 15.09 5.73 -12.91
CA LEU A 130 15.70 4.79 -13.87
C LEU A 130 16.85 5.55 -14.46
N MET A 131 18.06 5.17 -14.06
CA MET A 131 19.25 5.85 -14.56
C MET A 131 19.57 5.56 -16.01
N GLU A 132 20.54 6.30 -16.54
CA GLU A 132 20.73 6.31 -18.01
C GLU A 132 20.96 4.93 -18.55
N GLY A 133 20.38 4.68 -19.72
CA GLY A 133 20.59 3.43 -20.42
C GLY A 133 19.82 2.20 -19.87
N VAL A 134 19.09 2.37 -18.80
CA VAL A 134 18.29 1.27 -18.27
C VAL A 134 17.30 0.79 -19.32
N HIS A 135 17.16 -0.53 -19.45
CA HIS A 135 16.21 -1.16 -20.33
C HIS A 135 15.11 -1.86 -19.55
N VAL A 136 13.86 -1.53 -19.93
CA VAL A 136 12.68 -2.24 -19.37
C VAL A 136 11.95 -2.99 -20.50
N ALA A 137 12.03 -4.33 -20.45
CA ALA A 137 11.56 -5.15 -21.50
C ALA A 137 10.05 -5.27 -21.46
N HIS A 138 9.54 -5.82 -22.55
CA HIS A 138 8.11 -6.10 -22.68
C HIS A 138 7.51 -6.82 -21.49
N ASP A 139 6.39 -6.30 -21.00
CA ASP A 139 5.55 -6.95 -19.96
C ASP A 139 6.21 -6.91 -18.58
N ALA A 140 7.32 -6.17 -18.42
CA ALA A 140 7.92 -6.03 -17.12
C ALA A 140 7.03 -5.18 -16.23
N LEU A 141 7.20 -5.36 -14.93
CA LEU A 141 6.51 -4.63 -13.89
C LEU A 141 7.54 -4.07 -12.92
N ILE A 142 7.56 -2.75 -12.79
CA ILE A 142 8.29 -2.04 -11.73
C ILE A 142 7.29 -1.36 -10.83
N GLY A 143 7.49 -1.52 -9.52
CA GLY A 143 6.68 -0.86 -8.53
C GLY A 143 6.97 0.60 -8.32
N ASN A 144 7.08 0.98 -7.05
CA ASN A 144 7.22 2.37 -6.63
C ASN A 144 8.46 2.55 -5.83
N GLY A 145 9.03 3.74 -5.92
CA GLY A 145 10.10 4.08 -4.99
C GLY A 145 11.43 3.36 -5.29
N CYS A 146 11.59 2.83 -6.48
CA CYS A 146 12.80 2.07 -6.85
C CYS A 146 13.86 2.95 -7.44
N ILE A 147 15.09 2.53 -7.27
CA ILE A 147 16.23 3.12 -7.95
C ILE A 147 16.94 2.05 -8.74
N VAL A 148 17.13 2.27 -10.01
CA VAL A 148 17.73 1.30 -10.92
C VAL A 148 18.89 1.98 -11.63
N GLY A 149 20.07 1.41 -11.42
CA GLY A 149 21.34 2.01 -11.85
C GLY A 149 21.65 1.91 -13.32
N ASN A 150 22.65 2.69 -13.76
CA ASN A 150 23.03 2.87 -15.17
C ASN A 150 23.09 1.56 -15.93
N SER A 151 22.31 1.53 -17.02
CA SER A 151 22.36 0.47 -18.00
C SER A 151 21.97 -0.91 -17.45
N THR A 152 21.20 -0.96 -16.38
CA THR A 152 20.68 -2.22 -15.93
C THR A 152 19.63 -2.71 -16.89
N LYS A 153 19.61 -4.01 -17.14
CA LYS A 153 18.71 -4.63 -18.11
C LYS A 153 17.70 -5.55 -17.41
N MET A 154 16.43 -5.17 -17.52
CA MET A 154 15.34 -5.97 -16.94
C MET A 154 14.63 -6.68 -18.07
N ALA A 155 14.74 -8.00 -18.10
CA ALA A 155 14.25 -8.81 -19.23
C ALA A 155 12.72 -9.01 -19.15
N GLY A 156 12.19 -9.77 -20.09
CA GLY A 156 10.75 -9.93 -20.22
C GLY A 156 10.05 -10.42 -18.97
N GLU A 157 8.92 -9.78 -18.65
CA GLU A 157 7.98 -10.28 -17.63
C GLU A 157 8.61 -10.35 -16.24
N ILE A 158 9.58 -9.49 -15.97
CA ILE A 158 10.14 -9.42 -14.63
C ILE A 158 9.21 -8.61 -13.72
N ILE A 159 9.45 -8.73 -12.43
CA ILE A 159 8.75 -7.99 -11.43
C ILE A 159 9.72 -7.41 -10.40
N ILE A 160 9.61 -6.10 -10.14
CA ILE A 160 10.39 -5.45 -9.12
C ILE A 160 9.39 -4.87 -8.13
N ASP A 161 9.51 -5.33 -6.89
CA ASP A 161 8.67 -4.81 -5.80
C ASP A 161 9.08 -3.40 -5.36
N ASP A 162 8.27 -2.77 -4.55
CA ASP A 162 8.58 -1.41 -4.12
C ASP A 162 9.89 -1.26 -3.35
N ASN A 163 10.49 -0.11 -3.52
CA ASN A 163 11.64 0.31 -2.73
C ASN A 163 12.97 -0.45 -2.94
N ALA A 164 13.16 -1.08 -4.08
CA ALA A 164 14.36 -1.81 -4.37
C ALA A 164 15.42 -0.86 -4.85
N ILE A 165 16.67 -1.18 -4.58
CA ILE A 165 17.82 -0.50 -5.13
C ILE A 165 18.64 -1.49 -5.91
N ILE A 166 18.79 -1.21 -7.20
CA ILE A 166 19.56 -2.02 -8.10
C ILE A 166 20.67 -1.17 -8.64
N SER A 167 21.93 -1.64 -8.55
CA SER A 167 23.05 -0.84 -9.05
C SER A 167 23.18 -0.95 -10.57
N ALA A 168 24.32 -0.52 -11.09
CA ALA A 168 24.56 -0.43 -12.50
C ALA A 168 24.95 -1.72 -13.09
N ASN A 169 24.70 -1.82 -14.39
CA ASN A 169 25.07 -3.01 -15.16
C ASN A 169 24.58 -4.33 -14.61
N VAL A 170 23.41 -4.33 -13.98
CA VAL A 170 22.81 -5.58 -13.50
C VAL A 170 22.04 -6.25 -14.59
N LEU A 171 22.10 -7.57 -14.63
CA LEU A 171 21.30 -8.35 -15.61
C LEU A 171 20.32 -9.21 -14.86
N MET A 172 19.03 -8.93 -15.08
CA MET A 172 17.94 -9.63 -14.47
C MET A 172 17.28 -10.49 -15.53
N HIS A 173 17.38 -11.78 -15.38
CA HIS A 173 16.78 -12.69 -16.30
C HIS A 173 15.23 -12.63 -16.35
N GLN A 174 14.68 -13.03 -17.49
CA GLN A 174 13.21 -13.04 -17.65
C GLN A 174 12.52 -13.82 -16.59
N PHE A 175 11.32 -13.36 -16.27
CA PHE A 175 10.42 -14.01 -15.30
C PHE A 175 10.89 -13.91 -13.81
N CYS A 176 12.00 -13.26 -13.54
CA CYS A 176 12.45 -13.11 -12.14
C CYS A 176 11.74 -12.03 -11.36
N ARG A 177 11.84 -12.12 -10.05
CA ARG A 177 11.25 -11.15 -9.18
C ARG A 177 12.20 -10.69 -8.12
N VAL A 178 12.23 -9.37 -7.86
CA VAL A 178 13.06 -8.74 -6.84
C VAL A 178 12.13 -8.16 -5.74
N GLY A 179 12.40 -8.54 -4.51
CA GLY A 179 11.62 -8.05 -3.37
C GLY A 179 12.02 -6.67 -2.93
N GLY A 180 11.13 -6.06 -2.16
CA GLY A 180 11.42 -4.75 -1.61
C GLY A 180 12.68 -4.62 -0.80
N TYR A 181 13.24 -3.42 -0.79
CA TYR A 181 14.37 -3.01 0.04
C TYR A 181 15.68 -3.78 -0.19
N VAL A 182 15.79 -4.48 -1.30
CA VAL A 182 17.05 -5.12 -1.62
C VAL A 182 18.06 -4.12 -2.11
N MET A 183 19.33 -4.46 -1.96
CA MET A 183 20.36 -3.79 -2.74
C MET A 183 21.04 -4.87 -3.56
N ILE A 184 20.99 -4.72 -4.87
CA ILE A 184 21.73 -5.62 -5.78
C ILE A 184 22.99 -4.87 -6.22
N GLN A 185 24.14 -5.47 -5.98
CA GLN A 185 25.37 -4.84 -6.29
C GLN A 185 25.70 -4.77 -7.80
N GLY A 186 26.55 -3.81 -8.13
CA GLY A 186 26.83 -3.50 -9.55
C GLY A 186 27.48 -4.58 -10.31
N GLY A 187 26.97 -4.83 -11.51
CA GLY A 187 27.53 -5.88 -12.35
C GLY A 187 27.04 -7.29 -12.10
N CYS A 188 26.16 -7.46 -11.11
CA CYS A 188 25.65 -8.81 -10.83
C CYS A 188 24.62 -9.26 -11.82
N ARG A 189 24.46 -10.57 -11.92
CA ARG A 189 23.50 -11.13 -12.78
C ARG A 189 22.80 -12.25 -12.05
N PHE A 190 21.54 -12.50 -12.41
CA PHE A 190 20.79 -13.47 -11.66
C PHE A 190 19.61 -14.01 -12.46
N SER A 191 19.27 -15.29 -12.22
CA SER A 191 18.13 -15.88 -12.88
C SER A 191 17.21 -16.62 -11.88
N LYS A 192 17.27 -16.19 -10.62
CA LYS A 192 16.35 -16.66 -9.54
C LYS A 192 15.81 -15.43 -8.88
N ASP A 193 14.83 -15.59 -8.00
CA ASP A 193 14.26 -14.50 -7.30
C ASP A 193 15.17 -14.00 -6.16
N ILE A 194 15.03 -12.72 -5.84
CA ILE A 194 15.79 -12.13 -4.76
C ILE A 194 14.84 -11.68 -3.66
N PRO A 195 14.96 -12.28 -2.46
CA PRO A 195 13.93 -12.05 -1.44
C PRO A 195 14.15 -10.70 -0.74
N PRO A 196 13.14 -10.19 -0.08
CA PRO A 196 13.20 -8.76 0.39
C PRO A 196 14.23 -8.47 1.45
N TYR A 197 14.73 -7.24 1.47
CA TYR A 197 15.59 -6.71 2.52
C TYR A 197 17.07 -7.12 2.40
N ILE A 198 17.44 -7.95 1.41
CA ILE A 198 18.83 -8.48 1.41
C ILE A 198 19.76 -7.66 0.49
N ILE A 199 21.06 -7.81 0.73
CA ILE A 199 22.07 -7.47 -0.24
C ILE A 199 22.39 -8.70 -1.08
N ALA A 200 22.35 -8.54 -2.41
CA ALA A 200 22.75 -9.60 -3.31
C ALA A 200 23.97 -9.12 -4.06
N GLY A 201 25.05 -9.90 -3.98
CA GLY A 201 26.30 -9.51 -4.64
C GLY A 201 27.17 -10.69 -5.01
N ARG A 202 28.37 -10.39 -5.48
CA ARG A 202 29.36 -11.37 -5.92
C ARG A 202 29.01 -12.03 -7.24
N GLU A 203 29.98 -12.80 -7.72
CA GLU A 203 29.78 -13.70 -8.87
C GLU A 203 30.23 -15.11 -8.50
N PRO A 204 29.38 -16.12 -8.65
CA PRO A 204 27.94 -15.99 -8.90
C PRO A 204 27.24 -15.23 -7.79
N ILE A 205 26.04 -14.70 -8.07
CA ILE A 205 25.35 -13.85 -7.11
C ILE A 205 25.04 -14.61 -5.82
N ALA A 206 25.00 -13.93 -4.72
CA ALA A 206 24.72 -14.57 -3.43
C ALA A 206 24.20 -13.65 -2.43
N TYR A 207 23.46 -14.23 -1.50
CA TYR A 207 23.05 -13.52 -0.31
C TYR A 207 24.25 -13.04 0.42
N SER A 208 24.31 -11.74 0.73
CA SER A 208 25.51 -11.10 1.25
C SER A 208 25.16 -10.30 2.50
N GLY A 209 24.10 -10.72 3.20
CA GLY A 209 23.69 -10.07 4.40
C GLY A 209 22.47 -9.22 4.15
N ILE A 210 22.10 -8.46 5.16
CA ILE A 210 20.94 -7.56 5.09
C ILE A 210 21.29 -6.16 4.66
N ASN A 211 20.38 -5.49 3.97
CA ASN A 211 20.54 -4.09 3.54
C ASN A 211 20.33 -3.15 4.69
N ILE A 212 21.21 -3.24 5.69
CA ILE A 212 21.06 -2.50 6.92
C ILE A 212 21.14 -0.99 6.68
N ILE A 213 22.03 -0.56 5.78
CA ILE A 213 22.15 0.87 5.41
C ILE A 213 20.82 1.42 4.90
N GLY A 214 20.22 0.72 3.96
CA GLY A 214 18.92 1.10 3.42
C GLY A 214 17.83 1.12 4.48
N LEU A 215 17.80 0.07 5.31
CA LEU A 215 16.73 -0.03 6.31
C LEU A 215 16.89 1.05 7.39
N ARG A 216 18.12 1.28 7.82
CA ARG A 216 18.38 2.37 8.82
C ARG A 216 17.98 3.75 8.19
N ARG A 217 18.40 4.01 6.95
CA ARG A 217 18.00 5.26 6.26
C ARG A 217 16.52 5.43 6.21
N ARG A 218 15.76 4.36 6.04
CA ARG A 218 14.35 4.47 5.95
C ARG A 218 13.64 4.40 7.30
N GLY A 219 14.38 4.35 8.40
CA GLY A 219 13.78 4.52 9.70
C GLY A 219 13.23 3.24 10.32
N PHE A 220 13.67 2.10 9.82
CA PHE A 220 13.28 0.84 10.41
C PHE A 220 13.92 0.77 11.78
N SER A 221 13.20 0.18 12.71
CA SER A 221 13.72 0.05 14.09
C SER A 221 14.86 -0.99 14.14
N ASN A 222 15.75 -0.82 15.10
CA ASN A 222 16.85 -1.76 15.25
C ASN A 222 16.36 -3.13 15.59
N GLU A 223 15.23 -3.18 16.27
CA GLU A 223 14.62 -4.43 16.58
C GLU A 223 14.07 -5.16 15.35
N ILE A 224 13.38 -4.44 14.47
CA ILE A 224 12.85 -5.05 13.27
C ILE A 224 14.02 -5.48 12.36
N ILE A 225 15.05 -4.64 12.28
CA ILE A 225 16.25 -4.99 11.53
C ILE A 225 16.90 -6.27 12.04
N GLU A 226 17.00 -6.43 13.36
CA GLU A 226 17.55 -7.63 13.94
C GLU A 226 16.64 -8.87 13.63
N ASN A 227 15.31 -8.71 13.65
CA ASN A 227 14.46 -9.81 13.30
C ASN A 227 14.64 -10.28 11.89
N ILE A 228 14.74 -9.31 11.00
CA ILE A 228 14.93 -9.61 9.59
C ILE A 228 16.25 -10.37 9.47
N HIS A 229 17.25 -9.88 10.17
CA HIS A 229 18.54 -10.51 10.10
C HIS A 229 18.48 -11.95 10.61
N ASN A 230 17.78 -12.16 11.71
CA ASN A 230 17.55 -13.52 12.19
C ASN A 230 16.76 -14.44 11.30
N ALA A 231 15.74 -13.90 10.62
CA ALA A 231 15.05 -14.71 9.64
C ALA A 231 16.03 -15.22 8.56
N TYR A 232 16.88 -14.33 8.05
CA TYR A 232 17.79 -14.75 6.99
C TYR A 232 18.96 -15.61 7.45
N ARG A 233 19.37 -15.49 8.70
N ARG A 233 19.37 -15.49 8.70
CA ARG A 233 20.31 -16.49 9.30
CA ARG A 233 20.29 -16.50 9.28
C ARG A 233 19.69 -17.86 9.32
C ARG A 233 19.69 -17.86 9.31
N ILE A 234 18.41 -17.95 9.66
CA ILE A 234 17.69 -19.21 9.56
C ILE A 234 17.61 -19.72 8.11
N ILE A 235 17.26 -18.84 7.18
CA ILE A 235 17.03 -19.25 5.79
C ILE A 235 18.33 -19.66 5.12
N TYR A 236 19.37 -18.87 5.26
CA TYR A 236 20.55 -19.06 4.49
C TYR A 236 21.66 -19.76 5.27
N GLN A 237 21.71 -19.68 6.59
CA GLN A 237 22.92 -20.09 7.32
C GLN A 237 22.66 -21.16 8.34
N SER A 238 21.55 -21.86 8.29
CA SER A 238 21.27 -22.85 9.31
CA SER A 238 21.16 -22.84 9.30
C SER A 238 21.22 -24.27 8.76
N GLY A 239 21.53 -24.46 7.47
CA GLY A 239 21.55 -25.79 6.91
C GLY A 239 20.17 -26.38 6.65
N LEU A 240 19.13 -25.57 6.71
CA LEU A 240 17.79 -26.06 6.53
C LEU A 240 17.33 -25.90 5.12
N ASN A 241 16.48 -26.84 4.69
CA ASN A 241 15.88 -26.73 3.40
C ASN A 241 14.82 -25.64 3.51
N THR A 242 14.23 -25.25 2.39
CA THR A 242 13.38 -24.03 2.37
C THR A 242 12.15 -24.17 3.27
N SER A 243 11.44 -25.29 3.13
CA SER A 243 10.27 -25.52 3.98
CA SER A 243 10.27 -25.53 3.99
C SER A 243 10.59 -25.49 5.48
N ASP A 244 11.64 -26.18 5.89
CA ASP A 244 11.98 -26.24 7.30
C ASP A 244 12.40 -24.91 7.77
N ALA A 245 13.05 -24.12 6.91
CA ALA A 245 13.55 -22.84 7.36
C ALA A 245 12.34 -21.96 7.59
N LEU A 246 11.41 -21.99 6.67
CA LEU A 246 10.29 -21.08 6.79
C LEU A 246 9.42 -21.43 8.01
N THR A 247 9.25 -22.71 8.25
CA THR A 247 8.63 -23.18 9.50
C THR A 247 9.30 -22.60 10.74
N LYS A 248 10.62 -22.67 10.81
CA LYS A 248 11.32 -22.19 11.93
C LYS A 248 11.26 -20.66 12.08
N VAL A 249 11.33 -19.93 10.95
CA VAL A 249 11.12 -18.48 10.98
C VAL A 249 9.75 -18.16 11.56
N GLU A 250 8.76 -18.84 11.08
CA GLU A 250 7.37 -18.61 11.57
C GLU A 250 7.25 -18.95 13.08
N ALA A 251 8.00 -19.94 13.56
CA ALA A 251 7.98 -20.32 14.99
C ALA A 251 8.83 -19.45 15.88
N GLU A 252 9.94 -18.92 15.40
CA GLU A 252 10.94 -18.38 16.30
C GLU A 252 11.26 -16.93 16.13
N VAL A 253 10.85 -16.30 15.04
CA VAL A 253 11.18 -14.88 14.83
C VAL A 253 9.96 -14.07 15.16
N PRO A 254 10.11 -13.04 16.00
CA PRO A 254 8.95 -12.32 16.40
C PRO A 254 8.24 -11.82 15.14
N ALA A 255 6.94 -12.06 15.12
CA ALA A 255 6.18 -11.85 13.89
C ALA A 255 5.96 -10.35 13.63
N SER A 256 5.98 -9.96 12.35
CA SER A 256 5.69 -8.60 11.92
C SER A 256 5.44 -8.66 10.40
N PRO A 257 4.88 -7.59 9.82
CA PRO A 257 4.58 -7.62 8.40
C PRO A 257 5.85 -7.89 7.56
N GLU A 258 6.99 -7.44 8.06
CA GLU A 258 8.26 -7.61 7.33
C GLU A 258 8.63 -9.10 7.26
N ILE A 259 8.40 -9.83 8.36
CA ILE A 259 8.74 -11.22 8.45
C ILE A 259 7.74 -12.03 7.64
N GLU A 260 6.48 -11.62 7.64
CA GLU A 260 5.52 -12.30 6.80
C GLU A 260 5.81 -12.10 5.32
N TYR A 261 6.35 -10.95 4.98
CA TYR A 261 6.66 -10.69 3.59
C TYR A 261 7.83 -11.59 3.15
N ILE A 262 8.85 -11.70 4.00
CA ILE A 262 9.96 -12.63 3.71
C ILE A 262 9.45 -14.01 3.42
N VAL A 263 8.63 -14.50 4.35
CA VAL A 263 8.15 -15.85 4.27
C VAL A 263 7.24 -16.09 3.06
N ASP A 264 6.28 -15.23 2.88
CA ASP A 264 5.39 -15.34 1.76
C ASP A 264 6.12 -15.28 0.39
N PHE A 265 7.05 -14.33 0.28
CA PHE A 265 7.82 -14.17 -0.95
C PHE A 265 8.56 -15.47 -1.31
N ILE A 266 9.22 -16.05 -0.30
CA ILE A 266 10.04 -17.24 -0.56
C ILE A 266 9.14 -18.43 -0.80
N ARG A 267 8.12 -18.60 0.05
CA ARG A 267 7.22 -19.73 -0.06
C ARG A 267 6.55 -19.77 -1.43
N ASN A 268 6.19 -18.66 -1.98
CA ASN A 268 5.54 -18.65 -3.30
C ASN A 268 6.43 -18.30 -4.48
N SER A 269 7.72 -18.25 -4.25
CA SER A 269 8.70 -17.92 -5.32
C SER A 269 8.56 -18.84 -6.55
N GLU A 270 8.35 -18.22 -7.69
CA GLU A 270 8.18 -18.92 -8.92
CA GLU A 270 8.15 -18.97 -8.90
C GLU A 270 9.47 -19.55 -9.44
N ARG A 271 10.58 -18.89 -9.22
CA ARG A 271 11.84 -19.38 -9.76
C ARG A 271 12.71 -20.16 -8.74
N GLY A 272 12.35 -20.06 -7.47
CA GLY A 272 13.32 -20.32 -6.43
C GLY A 272 14.10 -19.08 -6.12
N ILE A 273 14.77 -19.01 -4.97
CA ILE A 273 15.57 -17.84 -4.62
C ILE A 273 17.03 -18.04 -4.82
N ILE A 274 17.76 -16.96 -4.92
CA ILE A 274 19.18 -17.05 -5.08
C ILE A 274 19.78 -17.73 -3.85
N ARG A 275 20.96 -18.28 -4.03
CA ARG A 275 21.82 -18.78 -2.91
C ARG A 275 22.62 -17.69 -2.11
N MET B 21 -25.99 24.78 28.65
CA MET B 21 -25.46 23.77 27.67
C MET B 21 -24.27 22.98 28.20
N ILE B 22 -23.39 23.65 28.91
CA ILE B 22 -22.35 23.00 29.65
C ILE B 22 -22.80 22.80 31.09
N SER B 23 -23.02 21.56 31.50
CA SER B 23 -23.47 21.30 32.85
C SER B 23 -22.44 21.71 33.88
N PRO B 24 -22.91 22.34 34.97
CA PRO B 24 -21.97 22.66 36.06
C PRO B 24 -21.58 21.40 36.81
N LEU B 25 -22.23 20.28 36.54
CA LEU B 25 -21.85 19.02 37.17
C LEU B 25 -20.79 18.23 36.36
N ALA B 26 -20.37 18.79 35.21
CA ALA B 26 -19.18 18.30 34.51
C ALA B 26 -17.94 18.84 35.14
N TYR B 27 -16.83 18.10 35.02
CA TYR B 27 -15.50 18.62 35.34
C TYR B 27 -14.72 18.96 34.10
N ILE B 28 -14.31 20.24 33.98
CA ILE B 28 -13.64 20.71 32.82
C ILE B 28 -12.38 21.44 33.23
N HIS B 29 -11.22 20.88 32.91
CA HIS B 29 -9.96 21.53 33.24
C HIS B 29 -9.91 22.91 32.55
N PRO B 30 -9.47 23.95 33.30
CA PRO B 30 -9.46 25.32 32.74
C PRO B 30 -8.68 25.42 31.46
N GLU B 31 -7.65 24.61 31.27
CA GLU B 31 -6.88 24.63 30.04
C GLU B 31 -7.51 23.93 28.84
N ALA B 32 -8.62 23.20 29.02
CA ALA B 32 -9.25 22.56 27.85
C ALA B 32 -9.80 23.65 26.91
N LYS B 33 -9.65 23.44 25.62
CA LYS B 33 -10.17 24.31 24.63
C LYS B 33 -11.44 23.72 24.09
N ILE B 34 -12.55 24.46 24.24
CA ILE B 34 -13.86 23.98 23.89
C ILE B 34 -14.50 24.96 22.94
N GLY B 35 -14.99 24.48 21.81
CA GLY B 35 -15.61 25.33 20.82
C GLY B 35 -17.03 25.76 21.14
N GLU B 36 -17.73 26.24 20.13
CA GLU B 36 -19.06 26.82 20.32
C GLU B 36 -20.18 25.83 20.16
N ASN B 37 -21.28 26.08 20.86
CA ASN B 37 -22.47 25.23 20.82
C ASN B 37 -22.16 23.74 21.20
N VAL B 38 -21.38 23.60 22.26
CA VAL B 38 -21.05 22.29 22.81
C VAL B 38 -21.93 22.00 24.02
N GLU B 39 -22.63 20.88 23.98
CA GLU B 39 -23.41 20.43 25.07
C GLU B 39 -22.62 19.40 25.85
N ILE B 40 -22.47 19.62 27.13
CA ILE B 40 -21.70 18.74 28.02
C ILE B 40 -22.59 18.41 29.22
N ALA B 41 -22.83 17.12 29.39
CA ALA B 41 -23.69 16.58 30.42
C ALA B 41 -23.01 16.47 31.80
N PRO B 42 -23.79 16.19 32.84
CA PRO B 42 -23.22 15.93 34.14
C PRO B 42 -22.22 14.74 34.11
N PHE B 43 -21.17 14.84 34.92
CA PHE B 43 -20.25 13.79 35.21
C PHE B 43 -19.34 13.50 34.04
N VAL B 44 -19.30 14.37 33.05
CA VAL B 44 -18.27 14.32 32.02
C VAL B 44 -16.98 14.84 32.63
N TYR B 45 -15.88 14.18 32.30
CA TYR B 45 -14.57 14.57 32.73
C TYR B 45 -13.75 14.94 31.54
N ILE B 46 -13.31 16.19 31.51
CA ILE B 46 -12.44 16.71 30.48
C ILE B 46 -11.15 17.28 31.10
N ASP B 47 -10.05 16.71 30.65
CA ASP B 47 -8.69 16.99 31.09
C ASP B 47 -8.14 18.24 30.37
N ARG B 48 -6.96 18.62 30.81
CA ARG B 48 -6.10 19.53 30.07
C ARG B 48 -5.53 18.88 28.81
N ASN B 49 -4.93 19.68 27.96
CA ASN B 49 -4.39 19.24 26.66
C ASN B 49 -5.49 18.50 25.89
N VAL B 50 -6.64 19.15 25.86
CA VAL B 50 -7.76 18.65 25.09
C VAL B 50 -8.21 19.76 24.20
N VAL B 51 -8.53 19.43 22.96
CA VAL B 51 -9.21 20.34 22.02
C VAL B 51 -10.49 19.76 21.53
N ILE B 52 -11.59 20.48 21.73
CA ILE B 52 -12.94 20.10 21.27
C ILE B 52 -13.54 21.19 20.41
N GLY B 53 -13.97 20.82 19.20
CA GLY B 53 -14.53 21.73 18.25
C GLY B 53 -15.96 22.17 18.51
N ASP B 54 -16.66 22.56 17.46
CA ASP B 54 -18.02 23.10 17.61
C ASP B 54 -19.09 22.04 17.48
N ASN B 55 -20.27 22.31 18.04
CA ASN B 55 -21.46 21.46 17.84
C ASN B 55 -21.30 19.99 18.24
N ASN B 56 -20.62 19.76 19.35
CA ASN B 56 -20.43 18.43 19.88
C ASN B 56 -21.40 18.21 21.01
N LYS B 57 -21.87 16.99 21.14
CA LYS B 57 -22.69 16.61 22.24
C LYS B 57 -21.97 15.51 23.00
N ILE B 58 -21.63 15.78 24.26
CA ILE B 58 -20.89 14.85 25.09
C ILE B 58 -21.83 14.48 26.21
N MET B 59 -22.29 13.23 26.19
CA MET B 59 -23.27 12.75 27.17
C MET B 59 -22.61 12.34 28.47
N ALA B 60 -23.48 12.11 29.43
CA ALA B 60 -23.04 11.88 30.80
C ALA B 60 -22.03 10.79 30.99
N ASN B 61 -21.12 11.02 31.92
CA ASN B 61 -20.18 10.02 32.31
C ASN B 61 -19.20 9.62 31.20
N ALA B 62 -19.03 10.43 30.17
CA ALA B 62 -17.95 10.26 29.23
C ALA B 62 -16.66 10.90 29.75
N ASN B 63 -15.51 10.46 29.19
CA ASN B 63 -14.22 10.91 29.60
C ASN B 63 -13.42 11.30 28.41
N ILE B 64 -12.92 12.54 28.40
CA ILE B 64 -12.05 13.09 27.35
C ILE B 64 -10.71 13.48 27.98
N LEU B 65 -9.70 12.68 27.69
CA LEU B 65 -8.48 12.70 28.43
C LEU B 65 -7.39 13.43 27.68
N TYR B 66 -6.33 13.71 28.43
CA TYR B 66 -5.13 14.35 27.97
C TYR B 66 -4.70 13.80 26.60
N GLY B 67 -4.60 14.71 25.62
CA GLY B 67 -4.23 14.42 24.26
C GLY B 67 -5.36 14.23 23.26
N SER B 68 -6.58 14.37 23.69
CA SER B 68 -7.69 14.24 22.82
C SER B 68 -7.80 15.45 21.88
N ARG B 69 -8.21 15.17 20.66
CA ARG B 69 -8.51 16.18 19.69
C ARG B 69 -9.80 15.77 19.02
N ILE B 70 -10.83 16.58 19.19
CA ILE B 70 -12.14 16.29 18.71
C ILE B 70 -12.58 17.40 17.78
N GLY B 71 -13.08 17.03 16.62
CA GLY B 71 -13.55 18.00 15.63
C GLY B 71 -14.96 18.53 15.91
N ASN B 72 -15.77 18.66 14.87
CA ASN B 72 -17.12 19.21 14.99
C ASN B 72 -18.24 18.27 14.78
N GLY B 73 -19.35 18.48 15.49
CA GLY B 73 -20.59 17.78 15.13
C GLY B 73 -20.67 16.30 15.55
N ASN B 74 -19.84 15.92 16.49
CA ASN B 74 -19.84 14.57 17.02
C ASN B 74 -20.83 14.36 18.15
N THR B 75 -21.24 13.13 18.38
CA THR B 75 -21.92 12.77 19.62
C THR B 75 -21.16 11.67 20.31
N ILE B 76 -20.84 11.91 21.56
CA ILE B 76 -20.03 11.04 22.39
C ILE B 76 -20.91 10.58 23.52
N PHE B 77 -21.17 9.27 23.52
CA PHE B 77 -22.20 8.64 24.33
C PHE B 77 -21.65 8.30 25.72
N PRO B 78 -22.52 7.99 26.66
CA PRO B 78 -22.07 7.75 28.04
C PRO B 78 -21.03 6.66 28.19
N GLY B 79 -20.00 6.92 28.97
CA GLY B 79 -19.01 5.90 29.28
C GLY B 79 -17.88 5.77 28.29
N ALA B 80 -18.01 6.45 27.13
CA ALA B 80 -16.89 6.49 26.19
C ALA B 80 -15.65 7.09 26.87
N VAL B 81 -14.48 6.61 26.48
CA VAL B 81 -13.21 7.10 27.04
C VAL B 81 -12.28 7.37 25.88
N ILE B 82 -12.06 8.67 25.61
CA ILE B 82 -11.19 9.10 24.55
C ILE B 82 -9.88 9.62 25.15
N GLY B 83 -8.76 9.11 24.63
CA GLY B 83 -7.43 9.60 24.91
C GLY B 83 -6.60 8.90 25.96
N ALA B 84 -7.09 7.80 26.53
CA ALA B 84 -6.27 7.13 27.54
C ALA B 84 -4.95 6.70 26.92
N ILE B 85 -3.95 6.53 27.78
CA ILE B 85 -2.67 6.09 27.30
C ILE B 85 -2.76 4.68 26.64
N PRO B 86 -1.84 4.40 25.73
CA PRO B 86 -1.82 3.08 25.06
C PRO B 86 -1.86 1.91 26.01
N GLN B 87 -2.45 0.79 25.60
CA GLN B 87 -2.35 -0.45 26.33
C GLN B 87 -1.06 -1.27 25.93
N ASP B 88 -0.08 -0.59 25.43
CA ASP B 88 1.13 -1.12 24.83
C ASP B 88 2.15 -0.90 25.89
N LEU B 89 2.76 -1.98 26.37
CA LEU B 89 3.78 -1.84 27.41
C LEU B 89 5.02 -1.15 26.87
N LYS B 90 5.13 -0.96 25.56
CA LYS B 90 6.23 -0.18 25.03
C LYS B 90 6.07 1.37 25.21
N PHE B 91 4.85 1.81 25.54
CA PHE B 91 4.62 3.21 25.88
C PHE B 91 5.45 3.63 27.09
N LYS B 92 6.16 4.75 26.96
CA LYS B 92 7.02 5.24 28.00
C LYS B 92 6.69 6.68 28.33
N GLY B 93 5.44 7.10 28.16
CA GLY B 93 5.00 8.47 28.57
C GLY B 93 5.21 9.53 27.51
N GLU B 94 5.62 9.16 26.31
CA GLU B 94 5.81 10.12 25.24
C GLU B 94 4.50 10.90 24.97
N GLU B 95 4.61 12.13 24.48
CA GLU B 95 3.43 12.88 24.00
C GLU B 95 2.77 12.24 22.74
N SER B 96 1.46 12.23 22.70
CA SER B 96 0.75 11.67 21.57
C SER B 96 -0.67 12.19 21.64
N THR B 97 -1.44 11.93 20.58
CA THR B 97 -2.85 12.29 20.59
C THR B 97 -3.81 11.15 20.24
N ALA B 98 -5.08 11.39 20.52
CA ALA B 98 -6.20 10.55 20.08
C ALA B 98 -7.14 11.54 19.46
N GLU B 99 -7.48 11.29 18.22
CA GLU B 99 -8.21 12.25 17.44
C GLU B 99 -9.48 11.68 16.78
N ILE B 100 -10.56 12.46 16.80
CA ILE B 100 -11.70 12.19 15.96
C ILE B 100 -12.03 13.43 15.19
N GLY B 101 -12.57 13.23 14.01
CA GLY B 101 -12.92 14.30 13.07
C GLY B 101 -14.29 14.89 13.35
N ASP B 102 -15.07 14.95 12.30
CA ASP B 102 -16.39 15.50 12.34
C ASP B 102 -17.53 14.53 12.12
N ASN B 103 -18.65 14.82 12.78
CA ASN B 103 -19.87 14.09 12.55
C ASN B 103 -19.79 12.57 12.87
N ASN B 104 -19.06 12.21 13.89
CA ASN B 104 -18.95 10.84 14.30
C ASN B 104 -19.89 10.52 15.44
N LEU B 105 -20.34 9.27 15.49
CA LEU B 105 -21.16 8.75 16.57
C LEU B 105 -20.31 7.75 17.32
N ILE B 106 -19.88 8.15 18.51
CA ILE B 106 -18.99 7.39 19.37
C ILE B 106 -19.86 6.84 20.50
N ARG B 107 -20.22 5.57 20.41
CA ARG B 107 -21.22 4.99 21.26
C ARG B 107 -20.66 4.63 22.63
N GLU B 108 -21.54 4.06 23.43
CA GLU B 108 -21.25 3.79 24.84
C GLU B 108 -19.99 2.96 25.05
N ASN B 109 -19.14 3.39 25.96
CA ASN B 109 -17.96 2.62 26.35
C ASN B 109 -16.96 2.33 25.24
N VAL B 110 -17.04 3.10 24.18
CA VAL B 110 -16.00 3.09 23.15
C VAL B 110 -14.69 3.63 23.77
N THR B 111 -13.57 2.98 23.48
CA THR B 111 -12.27 3.42 23.90
C THR B 111 -11.46 3.78 22.69
N ILE B 112 -10.86 4.97 22.73
CA ILE B 112 -9.93 5.38 21.69
C ILE B 112 -8.66 5.83 22.39
N ASN B 113 -7.65 4.97 22.38
CA ASN B 113 -6.43 5.32 23.08
C ASN B 113 -5.57 6.27 22.26
N ARG B 114 -4.78 7.10 22.91
CA ARG B 114 -3.80 7.93 22.17
C ARG B 114 -2.61 7.15 21.69
N GLY B 115 -1.80 7.78 20.88
CA GLY B 115 -0.71 7.15 20.14
C GLY B 115 0.52 6.79 20.97
N THR B 116 1.47 6.11 20.33
CA THR B 116 2.80 5.88 20.89
C THR B 116 3.83 6.53 19.95
N ALA B 117 5.11 6.44 20.30
CA ALA B 117 6.18 6.96 19.45
C ALA B 117 6.23 6.24 18.09
N ALA B 118 5.65 5.05 17.96
CA ALA B 118 5.62 4.38 16.66
C ALA B 118 4.97 5.21 15.57
N LYS B 119 4.00 6.02 15.95
CA LYS B 119 3.37 6.92 15.03
C LYS B 119 3.09 8.26 15.73
N GLY B 120 2.30 8.28 16.79
CA GLY B 120 2.14 9.47 17.62
C GLY B 120 0.72 10.02 17.68
N ARG B 121 -0.13 9.55 16.77
CA ARG B 121 -1.48 10.00 16.63
C ARG B 121 -2.35 8.74 16.35
N THR B 122 -3.38 8.57 17.18
CA THR B 122 -4.52 7.69 16.86
C THR B 122 -5.56 8.58 16.17
N ILE B 123 -6.04 8.18 15.00
CA ILE B 123 -6.94 8.99 14.24
C ILE B 123 -8.17 8.32 13.69
N VAL B 124 -9.32 8.91 14.00
CA VAL B 124 -10.61 8.55 13.41
C VAL B 124 -11.04 9.74 12.55
N GLY B 125 -11.47 9.46 11.34
CA GLY B 125 -11.94 10.50 10.40
C GLY B 125 -13.33 11.05 10.71
N ASN B 126 -14.14 11.13 9.68
CA ASN B 126 -15.45 11.79 9.72
C ASN B 126 -16.55 10.86 9.41
N ASN B 127 -17.74 11.14 9.94
CA ASN B 127 -18.96 10.42 9.52
C ASN B 127 -18.91 8.92 9.77
N ASN B 128 -18.28 8.53 10.86
CA ASN B 128 -18.23 7.13 11.28
C ASN B 128 -19.17 6.86 12.42
N LEU B 129 -19.62 5.61 12.50
CA LEU B 129 -20.29 5.08 13.61
C LEU B 129 -19.44 4.00 14.27
N LEU B 130 -19.02 4.21 15.51
CA LEU B 130 -18.35 3.25 16.31
C LEU B 130 -19.31 2.77 17.39
N MET B 131 -19.81 1.57 17.24
CA MET B 131 -20.86 1.05 18.11
C MET B 131 -20.28 0.71 19.47
N GLU B 132 -21.16 0.43 20.43
CA GLU B 132 -20.73 0.34 21.79
C GLU B 132 -19.62 -0.66 22.04
N GLY B 133 -18.67 -0.28 22.91
CA GLY B 133 -17.58 -1.16 23.33
C GLY B 133 -16.47 -1.32 22.30
N VAL B 134 -16.60 -0.66 21.13
CA VAL B 134 -15.50 -0.72 20.14
C VAL B 134 -14.22 -0.17 20.81
N HIS B 135 -13.11 -0.79 20.51
CA HIS B 135 -11.80 -0.36 20.94
C HIS B 135 -10.90 0.02 19.76
N VAL B 136 -10.31 1.22 19.85
CA VAL B 136 -9.38 1.72 18.88
C VAL B 136 -8.06 1.90 19.59
N ALA B 137 -7.10 1.04 19.22
CA ALA B 137 -5.83 0.98 19.87
C ALA B 137 -4.96 2.12 19.39
N HIS B 138 -3.85 2.28 20.12
CA HIS B 138 -2.83 3.25 19.79
C HIS B 138 -2.44 3.21 18.32
N ASP B 139 -2.36 4.39 17.72
CA ASP B 139 -1.75 4.60 16.38
C ASP B 139 -2.64 4.09 15.24
N ALA B 140 -3.84 3.61 15.55
CA ALA B 140 -4.75 3.19 14.56
C ALA B 140 -5.21 4.39 13.72
N LEU B 141 -5.61 4.09 12.51
CA LEU B 141 -6.14 5.04 11.55
C LEU B 141 -7.44 4.50 11.02
N ILE B 142 -8.51 5.22 11.23
CA ILE B 142 -9.79 4.94 10.64
C ILE B 142 -10.15 6.12 9.72
N GLY B 143 -10.62 5.81 8.52
CA GLY B 143 -11.04 6.84 7.54
C GLY B 143 -12.40 7.46 7.84
N ASN B 144 -13.16 7.59 6.75
CA ASN B 144 -14.45 8.23 6.77
C ASN B 144 -15.56 7.30 6.37
N GLY B 145 -16.74 7.52 6.91
CA GLY B 145 -17.91 6.81 6.44
C GLY B 145 -18.00 5.36 6.84
N CYS B 146 -17.25 4.99 7.87
CA CYS B 146 -17.18 3.61 8.35
C CYS B 146 -18.23 3.31 9.39
N ILE B 147 -18.64 2.04 9.43
CA ILE B 147 -19.48 1.52 10.50
C ILE B 147 -18.72 0.35 11.16
N VAL B 148 -18.56 0.41 12.47
CA VAL B 148 -17.88 -0.62 13.21
C VAL B 148 -18.76 -1.16 14.33
N GLY B 149 -19.00 -2.48 14.29
CA GLY B 149 -20.03 -3.06 15.12
C GLY B 149 -19.63 -3.27 16.57
N ASN B 150 -20.60 -3.63 17.40
CA ASN B 150 -20.42 -3.70 18.85
C ASN B 150 -19.17 -4.47 19.26
N SER B 151 -18.33 -3.82 20.09
CA SER B 151 -17.23 -4.49 20.77
C SER B 151 -16.16 -5.06 19.80
N THR B 152 -16.12 -4.56 18.56
CA THR B 152 -15.00 -4.85 17.71
C THR B 152 -13.73 -4.22 18.23
N LYS B 153 -12.66 -5.00 18.19
CA LYS B 153 -11.36 -4.59 18.67
C LYS B 153 -10.37 -4.35 17.53
N MET B 154 -9.84 -3.13 17.48
CA MET B 154 -8.86 -2.76 16.47
C MET B 154 -7.52 -2.56 17.15
N ALA B 155 -6.56 -3.40 16.81
CA ALA B 155 -5.27 -3.44 17.52
C ALA B 155 -4.34 -2.32 16.99
N GLY B 156 -3.10 -2.33 17.49
CA GLY B 156 -2.19 -1.28 17.17
C GLY B 156 -1.91 -1.08 15.71
N GLU B 157 -1.92 0.19 15.29
CA GLU B 157 -1.49 0.65 14.00
C GLU B 157 -2.23 0.02 12.88
N ILE B 158 -3.47 -0.33 13.12
CA ILE B 158 -4.32 -0.81 12.00
C ILE B 158 -4.72 0.38 11.11
N ILE B 159 -5.21 0.07 9.94
CA ILE B 159 -5.75 1.03 9.01
C ILE B 159 -7.08 0.51 8.46
N ILE B 160 -8.12 1.34 8.52
CA ILE B 160 -9.38 1.11 7.86
C ILE B 160 -9.64 2.21 6.85
N ASP B 161 -9.72 1.81 5.59
CA ASP B 161 -10.02 2.75 4.50
C ASP B 161 -11.48 3.22 4.60
N ASP B 162 -11.80 4.25 3.81
CA ASP B 162 -13.16 4.77 3.81
C ASP B 162 -14.23 3.80 3.44
N ASN B 163 -15.37 3.97 4.07
CA ASN B 163 -16.58 3.27 3.70
C ASN B 163 -16.61 1.75 3.96
N ALA B 164 -15.88 1.29 4.95
CA ALA B 164 -15.86 -0.11 5.33
C ALA B 164 -17.02 -0.33 6.32
N ILE B 165 -17.55 -1.53 6.31
CA ILE B 165 -18.50 -1.96 7.33
C ILE B 165 -17.95 -3.21 8.01
N ILE B 166 -17.85 -3.13 9.34
CA ILE B 166 -17.34 -4.20 10.11
C ILE B 166 -18.47 -4.54 11.12
N SER B 167 -18.77 -5.82 11.24
CA SER B 167 -19.82 -6.24 12.17
CA SER B 167 -19.79 -6.27 12.17
C SER B 167 -19.26 -6.31 13.62
N ALA B 168 -20.01 -6.94 14.50
CA ALA B 168 -19.71 -7.00 15.92
C ALA B 168 -18.73 -8.10 16.28
N ASN B 169 -18.02 -7.89 17.38
CA ASN B 169 -17.07 -8.82 17.89
C ASN B 169 -15.97 -9.26 16.91
N VAL B 170 -15.58 -8.38 16.06
CA VAL B 170 -14.49 -8.67 15.10
C VAL B 170 -13.14 -8.36 15.76
N LEU B 171 -12.16 -9.23 15.51
CA LEU B 171 -10.80 -9.02 16.04
C LEU B 171 -9.88 -8.75 14.86
N MET B 172 -9.35 -7.52 14.84
CA MET B 172 -8.44 -7.06 13.81
C MET B 172 -7.04 -7.00 14.44
N HIS B 173 -6.14 -7.88 13.98
CA HIS B 173 -4.82 -7.92 14.46
C HIS B 173 -3.94 -6.69 14.10
N GLN B 174 -2.89 -6.44 14.89
CA GLN B 174 -2.03 -5.21 14.70
C GLN B 174 -1.43 -5.14 13.30
N PHE B 175 -1.30 -3.91 12.79
CA PHE B 175 -0.87 -3.59 11.42
C PHE B 175 -1.80 -3.98 10.29
N CYS B 176 -2.89 -4.68 10.55
CA CYS B 176 -3.73 -5.04 9.42
C CYS B 176 -4.39 -3.83 8.77
N ARG B 177 -4.73 -4.01 7.52
CA ARG B 177 -5.45 -2.98 6.78
C ARG B 177 -6.71 -3.55 6.17
N VAL B 178 -7.79 -2.75 6.23
CA VAL B 178 -9.06 -3.09 5.65
C VAL B 178 -9.41 -2.08 4.55
N GLY B 179 -9.65 -2.60 3.34
CA GLY B 179 -10.02 -1.76 2.22
C GLY B 179 -11.46 -1.25 2.27
N GLY B 180 -11.72 -0.25 1.45
CA GLY B 180 -13.02 0.27 1.39
C GLY B 180 -14.09 -0.68 0.90
N TYR B 181 -15.32 -0.35 1.26
CA TYR B 181 -16.51 -1.03 0.79
C TYR B 181 -16.57 -2.50 1.21
N VAL B 182 -15.74 -2.91 2.15
CA VAL B 182 -15.78 -4.31 2.55
C VAL B 182 -16.91 -4.52 3.53
N MET B 183 -17.37 -5.74 3.63
CA MET B 183 -18.16 -6.10 4.81
CA MET B 183 -18.21 -6.16 4.77
C MET B 183 -17.51 -7.28 5.50
N ILE B 184 -17.20 -7.09 6.79
CA ILE B 184 -16.61 -8.15 7.59
C ILE B 184 -17.67 -8.68 8.53
N GLN B 185 -17.90 -9.98 8.45
CA GLN B 185 -18.99 -10.63 9.19
C GLN B 185 -18.67 -10.81 10.67
N GLY B 186 -19.73 -10.87 11.47
CA GLY B 186 -19.56 -10.80 12.95
C GLY B 186 -18.80 -11.94 13.54
N GLY B 187 -17.95 -11.64 14.49
CA GLY B 187 -17.18 -12.67 15.20
C GLY B 187 -15.96 -13.17 14.46
N CYS B 188 -15.71 -12.66 13.25
CA CYS B 188 -14.50 -13.03 12.53
C CYS B 188 -13.25 -12.42 13.13
N ARG B 189 -12.13 -13.10 12.88
CA ARG B 189 -10.84 -12.61 13.30
C ARG B 189 -9.88 -12.74 12.17
N PHE B 190 -8.95 -11.79 12.08
CA PHE B 190 -8.01 -11.84 10.94
C PHE B 190 -6.69 -11.19 11.28
N SER B 191 -5.64 -11.69 10.63
CA SER B 191 -4.31 -11.09 10.79
C SER B 191 -3.54 -10.93 9.48
N LYS B 192 -4.30 -10.84 8.40
CA LYS B 192 -3.84 -10.45 7.12
C LYS B 192 -4.72 -9.28 6.66
N ASP B 193 -4.35 -8.65 5.54
CA ASP B 193 -5.11 -7.53 4.99
C ASP B 193 -6.35 -8.01 4.27
N ILE B 194 -7.40 -7.16 4.22
CA ILE B 194 -8.65 -7.46 3.56
C ILE B 194 -8.87 -6.47 2.42
N PRO B 195 -8.77 -6.95 1.17
CA PRO B 195 -8.78 -6.06 0.03
C PRO B 195 -10.18 -5.46 -0.24
N PRO B 196 -10.24 -4.37 -0.97
CA PRO B 196 -11.48 -3.61 -1.06
C PRO B 196 -12.61 -4.34 -1.75
N TYR B 197 -13.83 -3.96 -1.40
CA TYR B 197 -15.05 -4.38 -2.12
C TYR B 197 -15.53 -5.79 -1.76
N ILE B 198 -14.82 -6.54 -0.91
CA ILE B 198 -15.22 -7.92 -0.64
C ILE B 198 -16.02 -8.10 0.65
N ILE B 199 -16.70 -9.24 0.73
CA ILE B 199 -17.25 -9.74 1.96
C ILE B 199 -16.26 -10.77 2.53
N ALA B 200 -15.92 -10.61 3.78
CA ALA B 200 -15.04 -11.52 4.46
C ALA B 200 -15.84 -12.14 5.59
N GLY B 201 -15.79 -13.47 5.67
CA GLY B 201 -16.48 -14.18 6.73
C GLY B 201 -15.95 -15.58 7.00
N ARG B 202 -16.65 -16.30 7.87
CA ARG B 202 -16.30 -17.65 8.28
C ARG B 202 -15.10 -17.74 9.20
N GLU B 203 -14.89 -18.94 9.72
CA GLU B 203 -13.75 -19.28 10.55
C GLU B 203 -13.11 -20.51 9.95
N PRO B 204 -11.84 -20.47 9.53
CA PRO B 204 -11.02 -19.24 9.46
C PRO B 204 -11.58 -18.26 8.44
N ILE B 205 -11.20 -16.99 8.52
CA ILE B 205 -11.80 -15.94 7.68
C ILE B 205 -11.45 -16.18 6.22
N ALA B 206 -12.37 -15.83 5.32
CA ALA B 206 -12.18 -16.08 3.93
C ALA B 206 -13.00 -15.17 3.09
N TYR B 207 -12.52 -14.99 1.88
CA TYR B 207 -13.28 -14.29 0.85
C TYR B 207 -14.63 -15.01 0.70
N SER B 208 -15.73 -14.27 0.69
CA SER B 208 -17.06 -14.84 0.58
C SER B 208 -17.84 -14.11 -0.53
N GLY B 209 -17.18 -13.54 -1.53
CA GLY B 209 -17.85 -12.85 -2.63
C GLY B 209 -17.67 -11.36 -2.49
N ILE B 210 -18.25 -10.66 -3.43
CA ILE B 210 -18.24 -9.19 -3.51
C ILE B 210 -19.39 -8.61 -2.73
N ASN B 211 -19.18 -7.41 -2.23
CA ASN B 211 -20.23 -6.64 -1.55
C ASN B 211 -21.10 -5.94 -2.56
N ILE B 212 -21.81 -6.74 -3.36
CA ILE B 212 -22.67 -6.23 -4.44
C ILE B 212 -23.79 -5.31 -3.96
N ILE B 213 -24.42 -5.73 -2.87
CA ILE B 213 -25.48 -4.99 -2.30
C ILE B 213 -25.00 -3.58 -1.92
N GLY B 214 -23.87 -3.50 -1.19
CA GLY B 214 -23.31 -2.21 -0.82
C GLY B 214 -22.94 -1.35 -2.00
N LEU B 215 -22.30 -1.98 -3.00
CA LEU B 215 -21.87 -1.24 -4.15
C LEU B 215 -23.06 -0.70 -4.99
N ARG B 216 -24.08 -1.53 -5.19
CA ARG B 216 -25.32 -1.04 -5.85
C ARG B 216 -25.98 0.11 -5.10
N ARG B 217 -26.19 -0.07 -3.82
CA ARG B 217 -26.75 1.00 -3.00
C ARG B 217 -25.98 2.27 -3.08
N ARG B 218 -24.64 2.21 -3.21
CA ARG B 218 -23.84 3.42 -3.27
C ARG B 218 -23.70 3.98 -4.67
N GLY B 219 -24.35 3.38 -5.66
CA GLY B 219 -24.39 3.94 -6.97
C GLY B 219 -23.33 3.49 -7.97
N PHE B 220 -22.64 2.38 -7.69
CA PHE B 220 -21.67 1.84 -8.62
C PHE B 220 -22.40 1.22 -9.79
N SER B 221 -21.86 1.37 -10.98
CA SER B 221 -22.50 0.78 -12.19
C SER B 221 -22.39 -0.73 -12.22
N ASN B 222 -23.36 -1.37 -12.88
CA ASN B 222 -23.36 -2.82 -12.93
C ASN B 222 -22.12 -3.33 -13.61
N GLU B 223 -21.62 -2.55 -14.56
CA GLU B 223 -20.42 -2.90 -15.31
C GLU B 223 -19.19 -2.88 -14.44
N ILE B 224 -19.06 -1.84 -13.63
CA ILE B 224 -17.93 -1.72 -12.74
C ILE B 224 -18.02 -2.83 -11.70
N ILE B 225 -19.23 -3.11 -11.21
CA ILE B 225 -19.41 -4.17 -10.27
C ILE B 225 -18.95 -5.49 -10.86
N GLU B 226 -19.31 -5.73 -12.11
CA GLU B 226 -18.94 -6.96 -12.73
C GLU B 226 -17.38 -7.05 -12.92
N ASN B 227 -16.75 -5.96 -13.27
CA ASN B 227 -15.29 -5.97 -13.34
C ASN B 227 -14.59 -6.25 -12.01
N ILE B 228 -15.09 -5.68 -10.92
CA ILE B 228 -14.62 -5.95 -9.59
C ILE B 228 -14.78 -7.42 -9.31
N HIS B 229 -15.95 -7.95 -9.68
CA HIS B 229 -16.20 -9.35 -9.44
C HIS B 229 -15.20 -10.23 -10.22
N ASN B 230 -14.95 -9.90 -11.48
CA ASN B 230 -13.97 -10.66 -12.28
C ASN B 230 -12.51 -10.57 -11.74
N ALA B 231 -12.14 -9.42 -11.23
CA ALA B 231 -10.87 -9.30 -10.59
C ALA B 231 -10.74 -10.29 -9.43
N TYR B 232 -11.79 -10.39 -8.60
CA TYR B 232 -11.71 -11.28 -7.46
C TYR B 232 -11.93 -12.74 -7.81
N ARG B 233 -12.55 -13.02 -8.93
CA ARG B 233 -12.57 -14.40 -9.46
C ARG B 233 -11.15 -14.83 -9.78
N ILE B 234 -10.41 -13.95 -10.43
CA ILE B 234 -9.00 -14.17 -10.70
C ILE B 234 -8.22 -14.33 -9.39
N ILE B 235 -8.43 -13.45 -8.42
CA ILE B 235 -7.57 -13.44 -7.22
C ILE B 235 -7.86 -14.63 -6.31
N TYR B 236 -9.14 -14.93 -6.13
CA TYR B 236 -9.55 -15.91 -5.15
C TYR B 236 -10.10 -17.24 -5.70
N GLN B 237 -10.48 -17.31 -6.96
CA GLN B 237 -11.17 -18.52 -7.44
C GLN B 237 -10.49 -19.19 -8.62
N SER B 238 -9.22 -18.90 -8.85
CA SER B 238 -8.53 -19.40 -10.00
C SER B 238 -7.29 -20.22 -9.66
N GLY B 239 -7.05 -20.45 -8.38
CA GLY B 239 -5.89 -21.23 -7.97
C GLY B 239 -4.56 -20.51 -8.15
N LEU B 240 -4.56 -19.20 -8.33
CA LEU B 240 -3.33 -18.46 -8.55
C LEU B 240 -2.78 -17.83 -7.31
N ASN B 241 -1.45 -17.75 -7.21
CA ASN B 241 -0.88 -17.02 -6.12
C ASN B 241 -1.07 -15.51 -6.44
N THR B 242 -0.78 -14.67 -5.48
CA THR B 242 -1.17 -13.28 -5.51
C THR B 242 -0.53 -12.57 -6.71
N SER B 243 0.79 -12.72 -6.86
CA SER B 243 1.51 -12.06 -7.92
C SER B 243 1.00 -12.41 -9.30
N ASP B 244 0.79 -13.69 -9.53
CA ASP B 244 0.26 -14.15 -10.82
C ASP B 244 -1.17 -13.62 -11.09
N ALA B 245 -1.93 -13.52 -10.02
CA ALA B 245 -3.32 -13.06 -10.17
C ALA B 245 -3.35 -11.61 -10.51
N LEU B 246 -2.53 -10.83 -9.82
CA LEU B 246 -2.53 -9.39 -10.11
C LEU B 246 -2.02 -9.10 -11.53
N THR B 247 -1.05 -9.91 -12.01
CA THR B 247 -0.66 -9.82 -13.42
C THR B 247 -1.81 -10.04 -14.38
N LYS B 248 -2.63 -11.06 -14.11
CA LYS B 248 -3.76 -11.37 -14.96
C LYS B 248 -4.87 -10.32 -14.88
N VAL B 249 -5.10 -9.80 -13.69
CA VAL B 249 -6.07 -8.72 -13.51
C VAL B 249 -5.66 -7.50 -14.37
N GLU B 250 -4.39 -7.12 -14.27
CA GLU B 250 -3.86 -6.03 -15.06
C GLU B 250 -3.99 -6.28 -16.54
N ALA B 251 -3.79 -7.53 -16.94
CA ALA B 251 -3.90 -7.87 -18.38
C ALA B 251 -5.32 -7.96 -18.91
N GLU B 252 -6.29 -8.44 -18.12
CA GLU B 252 -7.57 -8.86 -18.65
C GLU B 252 -8.78 -8.13 -18.15
N VAL B 253 -8.72 -7.44 -17.02
CA VAL B 253 -9.95 -6.82 -16.48
C VAL B 253 -9.96 -5.38 -16.94
N PRO B 254 -11.08 -4.93 -17.53
CA PRO B 254 -11.10 -3.58 -18.00
C PRO B 254 -10.71 -2.60 -16.88
N ALA B 255 -9.80 -1.69 -17.17
CA ALA B 255 -9.21 -0.85 -16.19
C ALA B 255 -10.16 0.29 -15.74
N SER B 256 -10.09 0.66 -14.47
CA SER B 256 -10.80 1.81 -13.91
C SER B 256 -10.15 2.08 -12.58
N PRO B 257 -10.49 3.20 -11.95
CA PRO B 257 -9.92 3.49 -10.64
C PRO B 257 -10.22 2.40 -9.58
N GLU B 258 -11.36 1.73 -9.71
CA GLU B 258 -11.69 0.72 -8.72
C GLU B 258 -10.73 -0.48 -8.83
N ILE B 259 -10.42 -0.85 -10.06
CA ILE B 259 -9.53 -2.02 -10.31
C ILE B 259 -8.11 -1.64 -9.93
N GLU B 260 -7.72 -0.44 -10.24
CA GLU B 260 -6.41 0.03 -9.78
C GLU B 260 -6.30 0.03 -8.27
N TYR B 261 -7.39 0.33 -7.57
CA TYR B 261 -7.37 0.31 -6.11
C TYR B 261 -7.19 -1.14 -5.62
N ILE B 262 -7.92 -2.10 -6.21
CA ILE B 262 -7.73 -3.49 -5.85
C ILE B 262 -6.23 -3.85 -5.96
N VAL B 263 -5.70 -3.60 -7.14
CA VAL B 263 -4.32 -4.05 -7.44
C VAL B 263 -3.31 -3.31 -6.55
N ASP B 264 -3.47 -1.99 -6.43
CA ASP B 264 -2.56 -1.18 -5.64
C ASP B 264 -2.59 -1.57 -4.13
N PHE B 265 -3.81 -1.78 -3.61
CA PHE B 265 -3.97 -2.26 -2.26
C PHE B 265 -3.21 -3.56 -2.06
N ILE B 266 -3.42 -4.54 -2.93
CA ILE B 266 -2.84 -5.87 -2.71
C ILE B 266 -1.29 -5.82 -2.90
N ARG B 267 -0.80 -5.17 -3.96
CA ARG B 267 0.66 -4.92 -4.09
C ARG B 267 1.35 -4.24 -2.95
N ASN B 268 0.66 -3.33 -2.32
CA ASN B 268 1.23 -2.63 -1.23
C ASN B 268 1.27 -3.43 0.07
N SER B 269 0.51 -4.51 0.12
CA SER B 269 0.43 -5.31 1.34
C SER B 269 1.75 -6.14 1.50
N GLU B 270 2.54 -5.88 2.50
CA GLU B 270 3.73 -6.74 2.71
C GLU B 270 3.29 -8.11 3.25
N ARG B 271 2.38 -8.09 4.17
CA ARG B 271 2.09 -9.32 4.85
C ARG B 271 1.16 -10.27 4.09
N GLY B 272 0.44 -9.74 3.11
CA GLY B 272 -0.51 -10.52 2.33
C GLY B 272 -1.95 -10.37 2.72
N ILE B 273 -2.81 -10.91 1.87
CA ILE B 273 -4.22 -10.76 2.09
C ILE B 273 -4.79 -12.06 2.67
N ILE B 274 -6.02 -11.96 3.20
CA ILE B 274 -6.71 -13.13 3.65
C ILE B 274 -6.94 -14.11 2.55
N ARG B 275 -6.89 -15.37 2.94
CA ARG B 275 -7.06 -16.49 2.07
C ARG B 275 -7.49 -17.67 2.87
C1' UD1 C . 12.68 -14.91 -26.08
C2' UD1 C . 12.66 -13.42 -26.44
C3' UD1 C . 12.59 -12.54 -25.20
C4' UD1 C . 11.43 -13.07 -24.40
C5' UD1 C . 11.61 -14.55 -23.99
C6' UD1 C . 10.49 -15.09 -23.08
C7' UD1 C . 13.77 -13.00 -28.58
C8' UD1 C . 15.00 -12.43 -29.27
N2' UD1 C . 13.86 -13.10 -27.22
O1' UD1 C . 13.91 -15.18 -25.40
O3' UD1 C . 12.39 -11.22 -25.65
O4' UD1 C . 11.36 -12.17 -23.37
O5' UD1 C . 11.64 -15.32 -25.22
O6' UD1 C . 9.25 -14.97 -23.82
O7' UD1 C . 12.74 -13.28 -29.19
N1 UD1 C . 17.90 -20.56 -24.65
C2 UD1 C . 19.07 -21.32 -25.04
N3 UD1 C . 19.39 -21.37 -26.35
C4 UD1 C . 18.63 -20.74 -27.30
C5 UD1 C . 17.48 -20.01 -26.91
C6 UD1 C . 17.14 -19.96 -25.58
O2 UD1 C . 19.86 -21.92 -24.25
O4 UD1 C . 19.00 -20.81 -28.50
C1B UD1 C . 17.48 -20.51 -23.26
C2B UD1 C . 17.19 -19.12 -22.70
O2' UD1 C . 18.40 -18.48 -22.38
C3B UD1 C . 16.33 -19.49 -21.48
C4B UD1 C . 15.58 -20.78 -21.89
O4B UD1 C . 16.25 -21.29 -23.08
O3B UD1 C . 17.17 -19.80 -20.37
C5B UD1 C . 14.12 -20.51 -22.26
O5B UD1 C . 14.12 -19.50 -23.30
PA UD1 C . 12.98 -18.32 -23.33
O1A UD1 C . 12.65 -17.78 -21.88
O2A UD1 C . 12.07 -18.82 -24.41
O3A UD1 C . 13.72 -17.00 -23.86
PB UD1 C . 14.48 -16.75 -25.26
O1B UD1 C . 13.87 -17.67 -26.30
O2B UD1 C . 15.93 -16.57 -25.01
C48 PE5 D . -7.13 3.26 -27.29
C50 PE5 D . -5.92 2.63 -27.95
O1 PE5 D . -6.20 1.35 -28.55
C1 PE5 D . -5.47 0.97 -29.74
C2 PE5 D . -6.28 -0.13 -30.44
O2 PE5 D . -6.77 -1.17 -29.53
C3 PE5 D . -7.90 -1.87 -30.11
C4 PE5 D . -7.90 -3.38 -29.87
O3 PE5 D . -7.41 -3.58 -28.54
C5 PE5 D . -7.87 -4.72 -27.80
C6 PE5 D . -6.69 -5.53 -27.28
O4 PE5 D . -5.79 -4.65 -26.62
C7 PE5 D . -4.83 -5.41 -25.87
C8 PE5 D . -3.73 -4.46 -25.37
O5 PE5 D . -4.18 -3.72 -24.24
C9 PE5 D . -3.09 -3.09 -23.53
C10 PE5 D . -3.72 -2.15 -22.52
O6 PE5 D . -4.60 -2.94 -21.70
C11 PE5 D . -5.47 -2.09 -20.91
C12 PE5 D . -5.96 -2.83 -19.66
O7 PE5 D . -7.17 -3.53 -19.92
C13 PE5 D . -7.17 -4.76 -20.60
C14 PE5 D . -8.46 -5.42 -20.18
O8 PE5 D . -9.47 -5.34 -21.16
C15 PE5 D . -9.94 -4.04 -21.47
C16 PE5 D . -11.19 -4.15 -22.32
O52 PE5 D . -11.64 -2.81 -22.62
C5 PG0 E . 14.33 7.29 -2.20
O2 PG0 E . 14.05 7.50 -3.62
C4 PG0 E . 13.30 6.63 -4.42
C3 PG0 E . 13.42 7.14 -5.89
O1 PG0 E . 12.74 8.41 -5.94
C2 PG0 E . 12.92 9.17 -7.12
C1 PG0 E . 11.71 10.11 -7.24
OTT PG0 E . 12.06 11.40 -6.71
C ACT F . 14.35 -7.66 -23.88
O ACT F . 15.45 -7.61 -23.18
OXT ACT F . 13.79 -6.63 -24.36
CH3 ACT F . 13.73 -9.03 -24.08
CA CA G . 20.36 8.39 -27.95
CA CA H . 3.55 -22.22 -7.46
CA CA I . -1.12 4.19 -10.45
C ACT J . -4.58 -2.65 22.28
O ACT J . -5.45 -3.48 21.82
OXT ACT J . -4.86 -1.49 22.70
CH3 ACT J . -3.16 -3.09 22.26
CA CA K . -18.60 2.38 31.56
#